data_8E61
#
_entry.id   8E61
#
_cell.length_a   55.067
_cell.length_b   98.534
_cell.length_c   58.837
_cell.angle_alpha   90.00
_cell.angle_beta   107.67
_cell.angle_gamma   90.00
#
_symmetry.space_group_name_H-M   'P 1 21 1'
#
loop_
_entity.id
_entity.type
_entity.pdbx_description
1 polymer '3C-like proteinase'
2 non-polymer 'CHLORIDE ION'
3 non-polymer '(1R,2S)-2-{[N-({2-[(3-chlorophenyl)sulfanyl]-2-methylpropoxy}carbonyl)-L-leucyl]amino}-1-hydroxy-3-[(3S)-2-oxopyrrolidin-3-yl]propane-1-sulfonic acid'
4 non-polymer '(1S,2S)-2-{[N-({2-[(3-chlorophenyl)sulfanyl]-2-methylpropoxy}carbonyl)-L-leucyl]amino}-1-hydroxy-3-[(3S)-2-oxopyrrolidin-3-yl]propane-1-sulfonic acid'
5 water water
#
_entity_poly.entity_id   1
_entity_poly.type   'polypeptide(L)'
_entity_poly.pdbx_seq_one_letter_code
;SNIGSGFRKMAFPSGKVEGCMVQVTCGTTTLNGLWLDDVVYCPRHVICTSEDMLNPNYEDLLIRKSNHNFLVQAGNVQLR
VIGHSMQNCVLKLKVDTANPKTPKYKFVRIQPGQTFSVLACYNGSPSGVYQCAMRPNFTIKGSFLNGSCGSVGFNIDYDC
VSFCYMHHMELPTGVHAGTDLEGNFYGPFVDRQTAQAAGTDTTITVNVLAWLYAAVINGDRWFLNRFTTTLNDFNLVAMK
YNYEPLTQDHVDILGPLSAQTGIAVLDMCASLKELLQNGMNGRTILGSALLEDEFTPFDVVRQCSGVTF
;
_entity_poly.pdbx_strand_id   A,B
#
# COMPACT_ATOMS: atom_id res chain seq x y z
N SER A 5 -12.65 8.23 -2.07
CA SER A 5 -13.28 7.11 -1.31
C SER A 5 -13.67 5.98 -2.26
N GLY A 6 -13.87 4.79 -1.70
CA GLY A 6 -14.15 3.58 -2.46
C GLY A 6 -12.89 2.81 -2.84
N PHE A 7 -11.89 3.51 -3.34
CA PHE A 7 -10.63 2.92 -3.78
C PHE A 7 -9.56 3.32 -2.79
N ARG A 8 -8.62 2.41 -2.53
CA ARG A 8 -7.39 2.81 -1.87
C ARG A 8 -6.18 2.34 -2.66
N LYS A 9 -5.06 3.02 -2.47
CA LYS A 9 -3.83 2.51 -3.06
C LYS A 9 -3.50 1.16 -2.41
N MET A 10 -3.58 0.09 -3.20
CA MET A 10 -3.29 -1.28 -2.78
C MET A 10 -1.97 -1.76 -3.38
N ALA A 11 -1.01 -2.16 -2.55
CA ALA A 11 0.24 -2.69 -3.06
C ALA A 11 0.10 -4.19 -3.32
N PHE A 12 1.00 -4.74 -4.11
CA PHE A 12 1.06 -6.19 -4.24
C PHE A 12 1.66 -6.79 -2.98
N PRO A 13 1.27 -8.01 -2.63
CA PRO A 13 1.92 -8.69 -1.50
C PRO A 13 3.42 -8.79 -1.78
N SER A 14 4.21 -8.50 -0.76
CA SER A 14 5.64 -8.28 -0.92
C SER A 14 6.50 -9.50 -0.63
N GLY A 15 5.91 -10.61 -0.21
CA GLY A 15 6.71 -11.74 0.26
C GLY A 15 7.71 -12.27 -0.76
N LYS A 16 7.31 -12.37 -2.03
CA LYS A 16 8.21 -12.93 -3.04
C LYS A 16 9.41 -12.02 -3.26
N VAL A 17 9.25 -10.72 -3.02
CA VAL A 17 10.37 -9.80 -3.16
C VAL A 17 11.20 -9.76 -1.89
N GLU A 18 10.55 -9.85 -0.73
CA GLU A 18 11.29 -9.88 0.53
C GLU A 18 12.33 -11.00 0.50
N GLY A 19 11.94 -12.14 -0.07
CA GLY A 19 12.83 -13.31 -0.14
C GLY A 19 14.03 -13.13 -1.04
N CYS A 20 14.12 -11.98 -1.74
CA CYS A 20 15.21 -11.65 -2.65
C CYS A 20 16.08 -10.50 -2.19
N MET A 21 15.76 -9.85 -1.08
CA MET A 21 16.55 -8.70 -0.63
C MET A 21 17.80 -9.13 0.14
N VAL A 22 18.90 -8.46 -0.16
CA VAL A 22 20.17 -8.67 0.54
C VAL A 22 20.82 -7.31 0.75
N GLN A 23 21.95 -7.29 1.44
CA GLN A 23 22.69 -6.05 1.55
C GLN A 23 24.03 -6.21 0.86
N VAL A 24 24.53 -5.08 0.36
CA VAL A 24 25.78 -5.03 -0.39
C VAL A 24 26.58 -3.90 0.21
N THR A 25 27.81 -4.22 0.64
CA THR A 25 28.66 -3.25 1.30
C THR A 25 30.02 -3.17 0.63
N CYS A 26 30.46 -1.93 0.45
CA CYS A 26 31.81 -1.61 0.04
C CYS A 26 32.35 -0.68 1.10
N GLY A 27 33.36 -1.12 1.81
CA GLY A 27 33.90 -0.28 2.85
C GLY A 27 32.88 -0.11 3.94
N THR A 28 32.40 1.13 4.17
CA THR A 28 31.33 1.39 5.14
C THR A 28 30.01 1.75 4.46
N THR A 29 29.95 1.63 3.14
CA THR A 29 28.78 2.04 2.36
C THR A 29 27.93 0.79 2.13
N THR A 30 26.74 0.73 2.71
CA THR A 30 25.86 -0.43 2.61
C THR A 30 24.59 0.03 1.93
N LEU A 31 24.22 -0.63 0.83
CA LEU A 31 22.86 -0.44 0.37
C LEU A 31 22.25 -1.81 0.09
N ASN A 32 21.08 -1.81 -0.50
CA ASN A 32 20.32 -3.01 -0.76
C ASN A 32 20.63 -3.56 -2.14
N GLY A 33 20.53 -4.89 -2.24
CA GLY A 33 20.65 -5.56 -3.53
C GLY A 33 19.53 -6.58 -3.68
N LEU A 34 19.37 -7.06 -4.92
CA LEU A 34 18.30 -7.97 -5.30
C LEU A 34 18.94 -9.27 -5.77
N TRP A 35 18.62 -10.38 -5.10
CA TRP A 35 19.30 -11.67 -5.23
C TRP A 35 18.36 -12.59 -5.98
N LEU A 36 18.69 -12.86 -7.24
CA LEU A 36 17.86 -13.68 -8.11
C LEU A 36 18.76 -14.72 -8.74
N ASP A 37 18.40 -15.99 -8.58
CA ASP A 37 19.27 -17.09 -9.00
C ASP A 37 20.62 -16.82 -8.35
N ASP A 38 21.72 -16.83 -9.09
CA ASP A 38 23.03 -16.59 -8.49
C ASP A 38 23.60 -15.22 -8.86
N VAL A 39 22.74 -14.23 -9.03
CA VAL A 39 23.20 -12.88 -9.32
C VAL A 39 22.57 -11.94 -8.31
N VAL A 40 23.37 -10.98 -7.83
CA VAL A 40 22.87 -9.89 -7.01
C VAL A 40 22.97 -8.59 -7.81
N TYR A 41 21.85 -7.86 -7.87
CA TYR A 41 21.78 -6.58 -8.59
C TYR A 41 21.74 -5.44 -7.59
N CYS A 42 22.53 -4.38 -7.81
CA CYS A 42 22.46 -3.25 -6.89
C CYS A 42 22.92 -1.99 -7.59
N PRO A 43 22.68 -0.81 -7.01
CA PRO A 43 23.15 0.44 -7.65
C PRO A 43 24.66 0.48 -7.65
N ARG A 44 25.24 0.84 -8.80
CA ARG A 44 26.70 0.90 -8.90
C ARG A 44 27.34 1.91 -7.94
N HIS A 45 26.60 2.90 -7.43
CA HIS A 45 27.26 3.87 -6.57
C HIS A 45 27.63 3.33 -5.21
N VAL A 46 27.32 2.07 -4.93
CA VAL A 46 27.84 1.44 -3.73
C VAL A 46 29.37 1.50 -3.72
N ILE A 47 30.01 1.51 -4.89
CA ILE A 47 31.48 1.47 -4.94
C ILE A 47 32.11 2.85 -4.73
N CYS A 48 31.29 3.88 -4.49
CA CYS A 48 31.79 5.26 -4.41
C CYS A 48 32.14 5.63 -2.98
N THR A 49 33.30 6.24 -2.83
CA THR A 49 33.55 7.15 -1.72
C THR A 49 32.84 8.47 -2.00
N SER A 50 32.62 9.25 -0.94
CA SER A 50 31.94 10.53 -1.10
C SER A 50 32.78 11.54 -1.89
N GLU A 51 34.11 11.50 -1.77
CA GLU A 51 34.94 12.36 -2.61
C GLU A 51 34.65 12.10 -4.08
N ASP A 52 34.78 10.84 -4.52
CA ASP A 52 34.48 10.44 -5.89
C ASP A 52 32.97 10.47 -6.22
N MET A 53 32.07 10.94 -5.35
CA MET A 53 30.66 11.04 -5.70
C MET A 53 30.31 12.34 -6.42
N LEU A 54 31.05 13.43 -6.18
CA LEU A 54 30.81 14.68 -6.91
C LEU A 54 30.75 14.42 -8.42
N ASN A 55 31.76 13.71 -8.96
CA ASN A 55 31.69 13.20 -10.32
C ASN A 55 32.56 11.94 -10.40
N PRO A 56 31.95 10.75 -10.41
CA PRO A 56 32.73 9.52 -10.38
C PRO A 56 33.13 9.01 -11.76
N ASN A 57 34.32 8.41 -11.81
CA ASN A 57 34.73 7.65 -12.99
C ASN A 57 34.43 6.20 -12.64
N TYR A 58 33.23 5.75 -12.97
CA TYR A 58 32.76 4.46 -12.49
C TYR A 58 33.58 3.31 -13.08
N GLU A 59 33.88 3.38 -14.38
CA GLU A 59 34.69 2.33 -15.00
C GLU A 59 36.04 2.21 -14.29
N ASP A 60 36.65 3.35 -13.95
CA ASP A 60 37.96 3.33 -13.30
C ASP A 60 37.86 2.93 -11.84
N LEU A 61 36.81 3.39 -11.14
CA LEU A 61 36.59 2.94 -9.77
C LEU A 61 36.44 1.42 -9.73
N LEU A 62 35.79 0.85 -10.75
CA LEU A 62 35.51 -0.58 -10.76
C LEU A 62 36.75 -1.42 -11.10
N ILE A 63 37.64 -0.89 -11.95
CA ILE A 63 38.87 -1.62 -12.29
C ILE A 63 39.68 -1.91 -11.04
N ARG A 64 39.64 -1.00 -10.08
CA ARG A 64 40.39 -1.20 -8.85
C ARG A 64 39.73 -2.22 -7.92
N LYS A 65 38.48 -2.58 -8.18
CA LYS A 65 37.72 -3.47 -7.31
C LYS A 65 37.95 -4.93 -7.68
N SER A 66 37.99 -5.79 -6.66
CA SER A 66 38.03 -7.23 -6.86
C SER A 66 36.78 -7.85 -6.25
N ASN A 67 36.49 -9.10 -6.64
CA ASN A 67 35.35 -9.80 -6.06
C ASN A 67 35.39 -9.74 -4.54
N HIS A 68 36.59 -9.88 -3.95
CA HIS A 68 36.71 -10.00 -2.51
C HIS A 68 36.60 -8.66 -1.79
N ASN A 69 36.43 -7.53 -2.51
CA ASN A 69 36.08 -6.26 -1.88
C ASN A 69 34.56 -6.09 -1.62
N PHE A 70 33.71 -6.97 -2.12
CA PHE A 70 32.25 -6.79 -1.99
C PHE A 70 31.72 -7.69 -0.88
N LEU A 71 31.02 -7.12 0.08
CA LEU A 71 30.45 -7.89 1.16
C LEU A 71 28.95 -7.99 0.89
N VAL A 72 28.50 -9.17 0.50
CA VAL A 72 27.09 -9.40 0.22
C VAL A 72 26.53 -10.28 1.34
N GLN A 73 25.41 -9.87 1.90
CA GLN A 73 24.83 -10.57 3.03
C GLN A 73 23.33 -10.70 2.89
N ALA A 74 22.82 -11.91 3.12
CA ALA A 74 21.42 -12.16 3.38
C ALA A 74 21.28 -12.26 4.90
N GLY A 75 20.74 -11.22 5.51
CA GLY A 75 20.81 -11.15 6.96
C GLY A 75 22.25 -11.07 7.40
N ASN A 76 22.65 -11.96 8.31
CA ASN A 76 24.06 -12.02 8.72
C ASN A 76 24.88 -13.05 7.95
N VAL A 77 24.32 -13.68 6.93
CA VAL A 77 24.97 -14.78 6.23
C VAL A 77 25.64 -14.22 4.98
N GLN A 78 26.96 -14.34 4.90
CA GLN A 78 27.68 -13.84 3.74
C GLN A 78 27.50 -14.73 2.53
N LEU A 79 27.34 -14.11 1.38
CA LEU A 79 27.32 -14.79 0.09
C LEU A 79 28.58 -14.40 -0.64
N ARG A 80 29.43 -15.36 -0.92
CA ARG A 80 30.70 -15.07 -1.56
C ARG A 80 30.46 -14.57 -2.99
N VAL A 81 31.11 -13.46 -3.34
CA VAL A 81 31.05 -12.92 -4.69
C VAL A 81 32.13 -13.59 -5.54
N ILE A 82 31.73 -14.13 -6.70
CA ILE A 82 32.64 -14.81 -7.61
C ILE A 82 32.77 -14.13 -8.97
N GLY A 83 32.15 -12.99 -9.18
CA GLY A 83 32.30 -12.27 -10.42
C GLY A 83 31.55 -10.97 -10.30
N HIS A 84 31.97 -9.99 -11.08
CA HIS A 84 31.29 -8.69 -11.05
C HIS A 84 31.33 -8.09 -12.44
N SER A 85 30.28 -7.39 -12.81
CA SER A 85 30.25 -6.60 -14.02
C SER A 85 29.35 -5.39 -13.78
N MET A 86 29.49 -4.37 -14.62
CA MET A 86 28.63 -3.20 -14.56
C MET A 86 27.74 -3.23 -15.79
N GLN A 87 26.42 -3.00 -15.58
CA GLN A 87 25.50 -2.78 -16.69
C GLN A 87 24.81 -1.45 -16.47
N ASN A 88 25.17 -0.45 -17.29
CA ASN A 88 24.70 0.92 -17.13
C ASN A 88 24.93 1.40 -15.71
N CYS A 89 23.88 1.71 -14.94
CA CYS A 89 24.09 2.16 -13.57
C CYS A 89 23.86 1.08 -12.52
N VAL A 90 23.78 -0.19 -12.91
CA VAL A 90 23.64 -1.25 -11.91
CA VAL A 90 23.60 -1.30 -11.97
C VAL A 90 24.88 -2.13 -11.94
N LEU A 91 25.21 -2.63 -10.76
CA LEU A 91 26.26 -3.61 -10.58
C LEU A 91 25.61 -4.98 -10.53
N LYS A 92 26.24 -5.94 -11.20
CA LYS A 92 25.83 -7.34 -11.17
C LYS A 92 26.95 -8.13 -10.50
N LEU A 93 26.64 -8.72 -9.36
CA LEU A 93 27.60 -9.50 -8.60
C LEU A 93 27.17 -10.97 -8.69
N LYS A 94 28.00 -11.79 -9.35
CA LYS A 94 27.76 -13.22 -9.34
C LYS A 94 28.14 -13.78 -7.99
N VAL A 95 27.27 -14.61 -7.41
CA VAL A 95 27.52 -15.18 -6.09
C VAL A 95 27.53 -16.69 -6.24
N ASP A 96 28.03 -17.36 -5.22
CA ASP A 96 28.23 -18.80 -5.32
C ASP A 96 27.01 -19.61 -4.91
N THR A 97 25.91 -18.96 -4.58
CA THR A 97 24.68 -19.62 -4.12
C THR A 97 23.49 -19.08 -4.90
N ALA A 98 22.69 -19.99 -5.45
CA ALA A 98 21.45 -19.63 -6.11
C ALA A 98 20.36 -19.42 -5.06
N ASN A 99 19.72 -18.26 -5.10
CA ASN A 99 18.69 -17.98 -4.10
C ASN A 99 17.56 -19.01 -4.17
N PRO A 100 17.38 -19.85 -3.15
CA PRO A 100 16.27 -20.81 -3.16
C PRO A 100 14.91 -20.16 -3.19
N LYS A 101 14.79 -18.89 -2.83
CA LYS A 101 13.51 -18.18 -2.80
C LYS A 101 13.26 -17.41 -4.10
N THR A 102 14.07 -17.61 -5.13
CA THR A 102 13.90 -16.90 -6.39
C THR A 102 12.50 -17.17 -6.93
N PRO A 103 11.68 -16.16 -7.17
CA PRO A 103 10.38 -16.38 -7.81
C PRO A 103 10.54 -16.50 -9.33
N LYS A 104 9.45 -16.86 -10.00
CA LYS A 104 9.37 -16.57 -11.42
C LYS A 104 9.41 -15.06 -11.57
N TYR A 105 10.24 -14.57 -12.48
CA TYR A 105 10.43 -13.12 -12.61
C TYR A 105 10.84 -12.70 -14.02
N LYS A 106 10.68 -11.40 -14.26
CA LYS A 106 11.16 -10.76 -15.47
C LYS A 106 11.54 -9.33 -15.10
N PHE A 107 12.31 -8.73 -15.95
CA PHE A 107 12.71 -7.33 -15.84
C PHE A 107 11.95 -6.54 -16.90
N VAL A 108 11.20 -5.52 -16.49
CA VAL A 108 10.43 -4.74 -17.45
C VAL A 108 10.73 -3.26 -17.23
N ARG A 109 10.66 -2.49 -18.30
CA ARG A 109 10.81 -1.04 -18.22
C ARG A 109 9.41 -0.46 -18.38
N ILE A 110 8.93 0.24 -17.36
CA ILE A 110 7.53 0.70 -17.39
C ILE A 110 7.46 2.06 -18.07
N GLN A 111 6.22 2.50 -18.41
CA GLN A 111 5.94 3.81 -18.99
C GLN A 111 5.44 4.76 -17.92
N PRO A 112 5.59 6.06 -18.11
CA PRO A 112 4.95 6.99 -17.19
C PRO A 112 3.46 6.70 -17.11
N GLY A 113 2.88 6.91 -15.91
CA GLY A 113 1.52 6.56 -15.63
C GLY A 113 1.32 5.20 -15.02
N GLN A 114 2.24 4.25 -15.27
CA GLN A 114 2.08 2.92 -14.72
C GLN A 114 2.42 2.95 -13.24
N THR A 115 1.77 2.11 -12.50
CA THR A 115 1.94 2.00 -11.07
C THR A 115 2.69 0.71 -10.73
N PHE A 116 3.28 0.70 -9.54
CA PHE A 116 4.04 -0.46 -9.09
C PHE A 116 4.18 -0.34 -7.58
N SER A 117 4.48 -1.45 -6.95
CA SER A 117 4.70 -1.47 -5.52
C SER A 117 6.17 -1.27 -5.24
N VAL A 118 6.49 -0.53 -4.19
CA VAL A 118 7.86 -0.35 -3.73
C VAL A 118 8.02 -1.01 -2.37
N LEU A 119 9.05 -1.85 -2.25
CA LEU A 119 9.41 -2.45 -0.98
C LEU A 119 10.60 -1.66 -0.39
N ALA A 120 10.30 -0.74 0.52
CA ALA A 120 11.31 0.12 1.08
C ALA A 120 12.20 -0.72 2.00
N CYS A 121 13.52 -0.70 1.76
CA CYS A 121 14.43 -1.55 2.52
C CYS A 121 15.61 -0.73 3.03
N TYR A 122 16.17 -1.19 4.16
CA TYR A 122 17.32 -0.55 4.81
C TYR A 122 18.21 -1.69 5.32
N ASN A 123 19.48 -1.67 4.91
CA ASN A 123 20.42 -2.71 5.30
C ASN A 123 19.85 -4.09 4.99
N GLY A 124 19.17 -4.22 3.86
CA GLY A 124 18.70 -5.51 3.46
C GLY A 124 17.40 -5.94 4.11
N SER A 125 16.85 -5.14 5.05
CA SER A 125 15.63 -5.52 5.75
C SER A 125 14.47 -4.68 5.27
N PRO A 126 13.36 -5.30 4.88
CA PRO A 126 12.16 -4.54 4.51
C PRO A 126 11.57 -3.73 5.65
N SER A 127 11.20 -2.48 5.36
CA SER A 127 10.48 -1.67 6.32
C SER A 127 9.01 -1.52 5.98
N GLY A 128 8.66 -1.47 4.71
CA GLY A 128 7.29 -1.16 4.33
C GLY A 128 7.10 -1.30 2.83
N VAL A 129 5.84 -1.30 2.43
CA VAL A 129 5.51 -1.47 1.02
C VAL A 129 4.39 -0.50 0.73
N TYR A 130 4.47 0.13 -0.44
CA TYR A 130 3.43 1.07 -0.83
C TYR A 130 3.40 1.15 -2.35
N GLN A 131 2.34 1.76 -2.84
CA GLN A 131 2.06 1.87 -4.26
C GLN A 131 2.51 3.25 -4.76
N CYS A 132 3.25 3.27 -5.87
CA CYS A 132 3.82 4.45 -6.51
C CYS A 132 3.30 4.52 -7.94
N ALA A 133 3.22 5.72 -8.49
CA ALA A 133 3.05 5.89 -9.92
C ALA A 133 4.28 6.57 -10.50
N MET A 134 4.69 6.12 -11.67
CA MET A 134 5.75 6.81 -12.42
C MET A 134 5.12 8.06 -13.05
N ARG A 135 5.58 9.23 -12.60
CA ARG A 135 5.10 10.50 -13.14
C ARG A 135 5.60 10.73 -14.57
N PRO A 136 4.91 11.60 -15.32
CA PRO A 136 5.36 11.85 -16.70
C PRO A 136 6.72 12.50 -16.76
N ASN A 137 7.17 13.12 -15.68
CA ASN A 137 8.53 13.65 -15.62
C ASN A 137 9.53 12.60 -15.09
N PHE A 138 9.11 11.33 -15.00
CA PHE A 138 10.01 10.20 -14.71
C PHE A 138 10.54 10.23 -13.31
N THR A 139 9.80 10.83 -12.40
CA THR A 139 10.04 10.69 -10.98
C THR A 139 8.90 9.88 -10.36
N ILE A 140 9.12 9.43 -9.14
CA ILE A 140 8.05 8.88 -8.33
C ILE A 140 7.98 9.70 -7.05
N LYS A 141 6.78 9.75 -6.48
CA LYS A 141 6.54 10.36 -5.16
C LYS A 141 6.63 9.23 -4.16
N GLY A 142 7.86 8.92 -3.77
CA GLY A 142 8.16 7.87 -2.84
C GLY A 142 8.34 8.38 -1.44
N SER A 143 8.78 7.48 -0.59
CA SER A 143 9.11 7.72 0.82
C SER A 143 10.39 6.93 1.04
N PHE A 144 11.51 7.64 1.05
CA PHE A 144 12.83 7.02 1.03
C PHE A 144 13.78 7.84 1.90
N LEU A 145 14.54 7.16 2.73
CA LEU A 145 15.55 7.78 3.57
C LEU A 145 16.93 7.26 3.16
N ASN A 146 17.96 7.83 3.79
CA ASN A 146 19.32 7.32 3.63
C ASN A 146 19.36 5.81 3.83
N GLY A 147 20.09 5.12 2.94
CA GLY A 147 20.25 3.68 3.01
C GLY A 147 19.19 2.91 2.25
N SER A 148 18.25 3.60 1.61
CA SER A 148 17.17 2.97 0.85
C SER A 148 17.57 2.60 -0.59
N CYS A 149 18.67 3.13 -1.12
CA CYS A 149 19.03 2.80 -2.50
C CYS A 149 19.14 1.28 -2.68
N GLY A 150 18.75 0.81 -3.86
CA GLY A 150 18.66 -0.61 -4.12
C GLY A 150 17.32 -1.24 -3.78
N SER A 151 16.47 -0.57 -3.01
CA SER A 151 15.06 -0.95 -2.93
C SER A 151 14.43 -1.02 -4.32
N VAL A 152 13.49 -1.96 -4.52
CA VAL A 152 12.99 -2.18 -5.87
C VAL A 152 11.49 -1.95 -5.91
N GLY A 153 11.03 -1.65 -7.12
CA GLY A 153 9.61 -1.54 -7.42
C GLY A 153 9.22 -2.65 -8.35
N PHE A 154 7.99 -3.14 -8.19
CA PHE A 154 7.58 -4.37 -8.87
C PHE A 154 6.06 -4.43 -9.02
N ASN A 155 5.65 -5.24 -10.00
CA ASN A 155 4.29 -5.73 -10.14
C ASN A 155 4.31 -7.26 -10.12
N ILE A 156 3.19 -7.87 -9.77
CA ILE A 156 3.05 -9.32 -9.81
C ILE A 156 1.90 -9.65 -10.76
N ASP A 157 2.16 -10.54 -11.72
CA ASP A 157 1.16 -11.05 -12.65
C ASP A 157 1.09 -12.57 -12.49
N TYR A 158 0.01 -13.05 -11.85
CA TYR A 158 -0.14 -14.45 -11.49
C TYR A 158 1.07 -14.92 -10.67
N ASP A 159 1.94 -15.74 -11.24
CA ASP A 159 3.07 -16.28 -10.50
C ASP A 159 4.30 -15.39 -10.58
N CYS A 160 4.31 -14.41 -11.48
CA CYS A 160 5.54 -13.82 -11.98
C CYS A 160 5.75 -12.42 -11.42
N VAL A 161 6.91 -12.17 -10.84
CA VAL A 161 7.28 -10.84 -10.40
C VAL A 161 7.96 -10.11 -11.55
N SER A 162 7.39 -8.98 -11.94
CA SER A 162 8.02 -8.09 -12.92
C SER A 162 8.70 -6.95 -12.19
N PHE A 163 10.02 -6.96 -12.16
CA PHE A 163 10.77 -5.90 -11.51
C PHE A 163 10.94 -4.73 -12.49
N CYS A 164 10.57 -3.52 -12.04
CA CYS A 164 10.61 -2.36 -12.93
C CYS A 164 11.43 -1.18 -12.43
N TYR A 165 11.89 -1.18 -11.18
CA TYR A 165 12.46 0.02 -10.59
C TYR A 165 13.48 -0.39 -9.54
N MET A 166 14.60 0.33 -9.52
CA MET A 166 15.57 0.24 -8.45
C MET A 166 15.92 1.66 -8.04
N HIS A 167 15.98 1.89 -6.74
CA HIS A 167 16.00 3.25 -6.21
C HIS A 167 17.43 3.79 -6.15
N HIS A 168 17.63 5.03 -6.63
CA HIS A 168 18.97 5.62 -6.62
C HIS A 168 19.06 7.02 -6.01
N MET A 169 18.00 7.82 -6.01
CA MET A 169 18.22 9.21 -5.61
C MET A 169 16.96 9.96 -5.22
N GLU A 170 17.18 11.06 -4.48
CA GLU A 170 16.14 12.01 -4.10
C GLU A 170 16.51 13.39 -4.66
N LEU A 171 15.53 14.05 -5.26
CA LEU A 171 15.70 15.33 -5.92
C LEU A 171 15.30 16.47 -4.99
N PRO A 172 15.65 17.72 -5.33
CA PRO A 172 15.36 18.84 -4.42
C PRO A 172 13.90 18.93 -4.00
N THR A 173 12.98 18.76 -4.96
CA THR A 173 11.55 18.82 -4.66
C THR A 173 11.05 17.67 -3.80
N GLY A 174 11.91 16.74 -3.42
CA GLY A 174 11.51 15.66 -2.54
C GLY A 174 10.97 14.45 -3.25
N VAL A 175 11.02 14.42 -4.59
CA VAL A 175 10.62 13.26 -5.37
C VAL A 175 11.84 12.40 -5.65
N HIS A 176 11.62 11.23 -6.24
CA HIS A 176 12.64 10.20 -6.29
C HIS A 176 12.84 9.74 -7.72
N ALA A 177 14.06 9.27 -8.01
CA ALA A 177 14.44 8.78 -9.32
C ALA A 177 15.30 7.53 -9.19
N GLY A 178 15.33 6.76 -10.27
CA GLY A 178 16.02 5.48 -10.27
C GLY A 178 16.02 4.87 -11.66
N THR A 179 16.39 3.60 -11.73
CA THR A 179 16.61 2.89 -12.97
C THR A 179 15.66 1.72 -13.09
N ASP A 180 15.65 1.10 -14.29
CA ASP A 180 15.11 -0.24 -14.43
C ASP A 180 16.18 -1.24 -13.94
N LEU A 181 15.88 -2.52 -13.99
CA LEU A 181 16.83 -3.50 -13.52
C LEU A 181 17.92 -3.79 -14.53
N GLU A 182 17.89 -3.15 -15.71
CA GLU A 182 19.03 -3.14 -16.62
C GLU A 182 19.91 -1.92 -16.39
N GLY A 183 19.63 -1.12 -15.36
CA GLY A 183 20.49 -0.02 -14.99
C GLY A 183 20.27 1.28 -15.76
N ASN A 184 19.22 1.36 -16.56
CA ASN A 184 18.94 2.57 -17.33
C ASN A 184 18.00 3.46 -16.54
N PHE A 185 18.44 4.68 -16.27
CA PHE A 185 17.60 5.61 -15.54
C PHE A 185 16.28 5.83 -16.26
N TYR A 186 15.23 5.98 -15.47
CA TYR A 186 14.02 6.61 -15.98
C TYR A 186 14.28 8.12 -16.00
N GLY A 187 14.06 8.75 -17.14
CA GLY A 187 14.22 10.19 -17.21
C GLY A 187 15.69 10.59 -17.39
N PRO A 188 15.95 11.86 -17.34
CA PRO A 188 17.25 12.35 -17.80
C PRO A 188 18.33 12.39 -16.72
N PHE A 189 18.12 11.69 -15.61
CA PHE A 189 18.98 11.83 -14.46
C PHE A 189 20.21 10.94 -14.59
N VAL A 190 21.19 11.22 -13.74
CA VAL A 190 22.48 10.53 -13.70
C VAL A 190 22.84 10.28 -12.25
N ASP A 191 23.55 9.17 -12.00
CA ASP A 191 23.93 8.81 -10.64
C ASP A 191 25.25 9.49 -10.27
N ARG A 192 25.13 10.81 -10.10
CA ARG A 192 26.21 11.66 -9.60
C ARG A 192 25.60 12.62 -8.60
N GLN A 193 26.36 12.96 -7.60
CA GLN A 193 25.90 13.88 -6.57
C GLN A 193 25.98 15.34 -7.02
N THR A 194 25.62 15.61 -8.27
CA THR A 194 25.54 16.95 -8.83
C THR A 194 24.10 17.43 -8.84
N ALA A 195 23.91 18.74 -8.69
CA ALA A 195 22.56 19.29 -8.62
C ALA A 195 21.75 18.93 -9.87
N GLN A 196 20.60 18.31 -9.66
CA GLN A 196 19.68 17.96 -10.74
C GLN A 196 18.27 18.30 -10.26
N ALA A 197 17.36 18.44 -11.22
CA ALA A 197 16.00 18.84 -10.90
C ALA A 197 15.00 18.13 -11.80
N ALA A 198 13.82 17.84 -11.24
CA ALA A 198 12.76 17.20 -12.01
C ALA A 198 12.10 18.22 -12.92
N GLY A 199 11.90 17.85 -14.18
CA GLY A 199 11.08 18.65 -15.07
C GLY A 199 9.69 18.91 -14.49
N THR A 200 8.97 19.83 -15.13
CA THR A 200 7.63 20.15 -14.67
C THR A 200 6.71 18.94 -14.87
N ASP A 201 5.96 18.60 -13.84
CA ASP A 201 5.09 17.43 -13.93
C ASP A 201 3.76 17.79 -14.60
N THR A 202 3.12 16.77 -15.15
CA THR A 202 1.83 16.89 -15.81
C THR A 202 0.92 15.82 -15.23
N THR A 203 -0.37 15.99 -15.47
CA THR A 203 -1.36 15.01 -15.01
C THR A 203 -1.46 13.81 -15.95
N ILE A 204 -1.58 12.62 -15.35
CA ILE A 204 -1.61 11.37 -16.09
C ILE A 204 -3.00 11.10 -16.65
N THR A 205 -3.23 11.56 -17.88
CA THR A 205 -4.56 11.53 -18.49
C THR A 205 -5.16 10.14 -18.52
N VAL A 206 -4.38 9.13 -18.91
CA VAL A 206 -4.92 7.78 -19.03
C VAL A 206 -5.50 7.32 -17.70
N ASN A 207 -4.83 7.65 -16.61
CA ASN A 207 -5.31 7.27 -15.29
C ASN A 207 -6.53 8.07 -14.88
N VAL A 208 -6.61 9.34 -15.25
CA VAL A 208 -7.85 10.07 -14.96
C VAL A 208 -9.02 9.44 -15.68
N LEU A 209 -8.80 9.05 -16.93
CA LEU A 209 -9.86 8.38 -17.65
C LEU A 209 -10.25 7.09 -16.95
N ALA A 210 -9.26 6.33 -16.46
CA ALA A 210 -9.57 5.11 -15.73
C ALA A 210 -10.44 5.40 -14.53
N TRP A 211 -10.14 6.48 -13.82
CA TRP A 211 -10.92 6.89 -12.67
C TRP A 211 -12.35 7.29 -13.07
N LEU A 212 -12.52 7.99 -14.19
CA LEU A 212 -13.91 8.27 -14.62
C LEU A 212 -14.65 6.97 -14.95
N TYR A 213 -13.99 6.03 -15.63
CA TYR A 213 -14.60 4.73 -15.87
C TYR A 213 -15.01 4.07 -14.57
N ALA A 214 -14.13 4.14 -13.57
CA ALA A 214 -14.42 3.57 -12.27
C ALA A 214 -15.64 4.26 -11.65
N ALA A 215 -15.75 5.57 -11.81
CA ALA A 215 -16.91 6.28 -11.27
C ALA A 215 -18.18 5.80 -11.96
N VAL A 216 -18.14 5.62 -13.28
CA VAL A 216 -19.30 5.13 -14.00
C VAL A 216 -19.69 3.75 -13.50
N ILE A 217 -18.69 2.86 -13.37
CA ILE A 217 -18.96 1.48 -12.92
C ILE A 217 -19.70 1.47 -11.58
N ASN A 218 -19.42 2.45 -10.72
CA ASN A 218 -20.04 2.59 -9.41
C ASN A 218 -21.28 3.45 -9.44
N GLY A 219 -21.77 3.84 -10.60
CA GLY A 219 -23.03 4.54 -10.73
C GLY A 219 -22.96 6.07 -10.72
N ASP A 220 -21.77 6.65 -10.73
CA ASP A 220 -21.59 8.09 -10.63
C ASP A 220 -21.28 8.53 -12.06
N ARG A 221 -22.31 9.02 -12.78
CA ARG A 221 -22.11 9.25 -14.21
C ARG A 221 -22.68 10.57 -14.75
N TRP A 222 -22.84 11.58 -13.89
CA TRP A 222 -23.40 12.85 -14.36
C TRP A 222 -22.56 13.53 -15.44
N PHE A 223 -21.25 13.25 -15.52
CA PHE A 223 -20.33 13.95 -16.40
C PHE A 223 -20.29 13.38 -17.83
N LEU A 224 -20.98 12.28 -18.09
CA LEU A 224 -21.05 11.78 -19.46
C LEU A 224 -21.85 12.74 -20.32
N ASN A 225 -21.40 12.99 -21.54
CA ASN A 225 -22.15 13.81 -22.48
C ASN A 225 -22.40 13.01 -23.76
N ARG A 226 -23.17 13.61 -24.68
CA ARG A 226 -23.58 12.96 -25.91
C ARG A 226 -22.65 13.25 -27.08
N PHE A 227 -21.38 13.57 -26.82
CA PHE A 227 -20.44 13.98 -27.86
C PHE A 227 -19.17 13.15 -27.82
N THR A 228 -18.34 13.35 -28.85
CA THR A 228 -17.10 12.62 -28.98
C THR A 228 -16.04 13.60 -29.48
N THR A 229 -14.84 13.09 -29.76
CA THR A 229 -13.72 13.91 -30.17
C THR A 229 -12.74 13.00 -30.90
N THR A 230 -11.82 13.63 -31.62
CA THR A 230 -10.70 12.86 -32.14
C THR A 230 -9.61 12.86 -31.08
N LEU A 231 -8.73 11.87 -31.22
CA LEU A 231 -7.61 11.76 -30.30
C LEU A 231 -6.70 12.98 -30.43
N ASN A 232 -6.44 13.41 -31.65
CA ASN A 232 -5.62 14.61 -31.85
C ASN A 232 -6.25 15.86 -31.21
N ASP A 233 -7.54 16.12 -31.47
CA ASP A 233 -8.15 17.30 -30.86
C ASP A 233 -8.08 17.23 -29.35
N PHE A 234 -8.33 16.05 -28.78
CA PHE A 234 -8.27 15.94 -27.32
C PHE A 234 -6.85 16.22 -26.82
N ASN A 235 -5.85 15.62 -27.45
CA ASN A 235 -4.47 15.84 -27.00
C ASN A 235 -4.09 17.31 -27.05
N LEU A 236 -4.49 18.01 -28.10
CA LEU A 236 -4.11 19.43 -28.17
C LEU A 236 -4.79 20.23 -27.07
N VAL A 237 -6.00 19.85 -26.69
CA VAL A 237 -6.66 20.57 -25.60
C VAL A 237 -6.06 20.17 -24.26
N ALA A 238 -5.86 18.86 -24.06
CA ALA A 238 -5.32 18.37 -22.80
C ALA A 238 -4.02 19.07 -22.44
N MET A 239 -3.14 19.25 -23.44
CA MET A 239 -1.83 19.87 -23.17
C MET A 239 -2.00 21.28 -22.61
N LYS A 240 -3.09 21.96 -22.95
CA LYS A 240 -3.33 23.31 -22.44
C LYS A 240 -3.70 23.30 -20.97
N TYR A 241 -4.10 22.15 -20.43
CA TYR A 241 -4.45 22.02 -19.03
C TYR A 241 -3.37 21.26 -18.25
N ASN A 242 -2.18 21.10 -18.82
CA ASN A 242 -1.05 20.40 -18.19
C ASN A 242 -1.37 18.94 -17.97
N TYR A 243 -2.15 18.38 -18.89
CA TYR A 243 -2.46 16.98 -18.98
C TYR A 243 -1.59 16.34 -20.04
N GLU A 244 -1.18 15.12 -19.80
CA GLU A 244 -0.38 14.39 -20.76
C GLU A 244 -1.22 14.04 -21.98
N PRO A 245 -0.64 14.06 -23.17
CA PRO A 245 -1.36 13.50 -24.33
C PRO A 245 -1.49 12.00 -24.20
N LEU A 246 -2.54 11.48 -24.81
CA LEU A 246 -2.76 10.04 -24.89
C LEU A 246 -1.95 9.43 -26.03
N THR A 247 -1.42 8.24 -25.78
CA THR A 247 -0.84 7.39 -26.80
C THR A 247 -1.84 6.33 -27.23
N GLN A 248 -1.50 5.63 -28.32
CA GLN A 248 -2.28 4.47 -28.72
C GLN A 248 -2.28 3.37 -27.66
N ASP A 249 -1.16 3.19 -26.95
CA ASP A 249 -1.14 2.19 -25.88
C ASP A 249 -2.14 2.55 -24.79
N HIS A 250 -2.26 3.85 -24.47
CA HIS A 250 -3.26 4.32 -23.51
C HIS A 250 -4.67 3.97 -23.95
N VAL A 251 -4.97 4.20 -25.23
CA VAL A 251 -6.29 3.89 -25.73
C VAL A 251 -6.55 2.41 -25.60
N ASP A 252 -5.51 1.62 -25.88
CA ASP A 252 -5.60 0.16 -25.81
C ASP A 252 -5.83 -0.35 -24.39
N ILE A 253 -5.11 0.19 -23.41
CA ILE A 253 -5.27 -0.34 -22.05
C ILE A 253 -6.54 0.17 -21.39
N LEU A 254 -7.21 1.17 -21.96
CA LEU A 254 -8.55 1.53 -21.53
C LEU A 254 -9.59 0.60 -22.13
N GLY A 255 -9.20 -0.30 -23.02
CA GLY A 255 -10.13 -1.10 -23.76
C GLY A 255 -11.09 -1.89 -22.88
N PRO A 256 -10.57 -2.60 -21.90
CA PRO A 256 -11.44 -3.43 -21.05
C PRO A 256 -12.46 -2.61 -20.26
N LEU A 257 -12.13 -1.40 -19.81
CA LEU A 257 -13.09 -0.56 -19.10
C LEU A 257 -14.08 0.08 -20.07
N SER A 258 -13.62 0.40 -21.27
CA SER A 258 -14.52 0.81 -22.35
C SER A 258 -15.58 -0.27 -22.61
N ALA A 259 -15.15 -1.52 -22.69
CA ALA A 259 -16.09 -2.62 -22.98
C ALA A 259 -17.04 -2.86 -21.81
N GLN A 260 -16.50 -2.80 -20.59
CA GLN A 260 -17.32 -3.05 -19.40
C GLN A 260 -18.45 -2.04 -19.28
N THR A 261 -18.19 -0.78 -19.67
CA THR A 261 -19.17 0.29 -19.58
C THR A 261 -19.90 0.57 -20.88
N GLY A 262 -19.41 0.09 -22.01
CA GLY A 262 -20.01 0.47 -23.27
C GLY A 262 -19.71 1.90 -23.70
N ILE A 263 -18.79 2.57 -23.04
CA ILE A 263 -18.44 3.95 -23.35
C ILE A 263 -17.12 3.92 -24.11
N ALA A 264 -17.15 4.37 -25.37
CA ALA A 264 -15.94 4.41 -26.19
C ALA A 264 -14.91 5.33 -25.56
N VAL A 265 -13.63 5.00 -25.75
CA VAL A 265 -12.57 5.80 -25.14
C VAL A 265 -12.70 7.25 -25.57
N LEU A 266 -12.95 7.49 -26.85
CA LEU A 266 -13.00 8.88 -27.36
C LEU A 266 -14.23 9.62 -26.85
N ASP A 267 -15.31 8.91 -26.54
CA ASP A 267 -16.43 9.59 -25.88
C ASP A 267 -16.08 9.95 -24.43
N MET A 268 -15.35 9.08 -23.73
CA MET A 268 -14.92 9.47 -22.39
C MET A 268 -13.97 10.66 -22.47
N CYS A 269 -13.10 10.73 -23.50
CA CYS A 269 -12.22 11.89 -23.66
C CYS A 269 -13.02 13.17 -23.84
N ALA A 270 -14.10 13.12 -24.62
CA ALA A 270 -14.97 14.29 -24.77
C ALA A 270 -15.58 14.70 -23.43
N SER A 271 -15.96 13.74 -22.59
CA SER A 271 -16.46 14.11 -21.26
C SER A 271 -15.36 14.75 -20.41
N LEU A 272 -14.16 14.18 -20.43
CA LEU A 272 -13.06 14.79 -19.71
C LEU A 272 -12.76 16.19 -20.24
N LYS A 273 -12.73 16.34 -21.56
CA LYS A 273 -12.53 17.67 -22.15
C LYS A 273 -13.52 18.69 -21.60
N GLU A 274 -14.80 18.31 -21.44
CA GLU A 274 -15.78 19.26 -20.91
C GLU A 274 -15.49 19.57 -19.44
N LEU A 275 -15.09 18.55 -18.66
CA LEU A 275 -14.71 18.82 -17.28
C LEU A 275 -13.54 19.81 -17.21
N LEU A 276 -12.55 19.64 -18.09
CA LEU A 276 -11.41 20.54 -18.05
C LEU A 276 -11.83 21.96 -18.41
N GLN A 277 -12.64 22.10 -19.47
CA GLN A 277 -12.98 23.43 -19.94
C GLN A 277 -13.97 24.10 -19.01
N ASN A 278 -14.82 23.33 -18.34
CA ASN A 278 -15.90 23.91 -17.55
C ASN A 278 -15.76 23.71 -16.05
N GLY A 279 -14.80 22.93 -15.57
CA GLY A 279 -14.73 22.66 -14.15
C GLY A 279 -15.86 21.73 -13.69
N MET A 280 -15.83 21.42 -12.38
CA MET A 280 -16.85 20.59 -11.76
C MET A 280 -18.17 21.32 -11.53
N ASN A 281 -18.15 22.65 -11.49
CA ASN A 281 -19.35 23.43 -11.12
C ASN A 281 -19.82 23.02 -9.73
N GLY A 282 -18.88 22.76 -8.84
CA GLY A 282 -19.18 22.49 -7.44
C GLY A 282 -19.44 21.05 -7.10
N ARG A 283 -19.17 20.12 -7.99
CA ARG A 283 -19.63 18.76 -7.85
C ARG A 283 -18.47 17.84 -7.48
N THR A 284 -18.80 16.57 -7.29
CA THR A 284 -17.79 15.58 -6.95
C THR A 284 -17.95 14.36 -7.83
N ILE A 285 -16.87 13.61 -7.92
CA ILE A 285 -16.82 12.37 -8.65
C ILE A 285 -16.17 11.39 -7.70
N LEU A 286 -16.88 10.29 -7.40
CA LEU A 286 -16.40 9.29 -6.43
C LEU A 286 -16.06 9.93 -5.08
N GLY A 287 -16.80 10.97 -4.72
CA GLY A 287 -16.62 11.66 -3.46
C GLY A 287 -15.73 12.89 -3.53
N SER A 288 -14.96 13.06 -4.60
CA SER A 288 -13.91 14.06 -4.62
C SER A 288 -14.21 15.13 -5.65
N ALA A 289 -13.85 16.36 -5.32
CA ALA A 289 -13.80 17.42 -6.32
C ALA A 289 -12.47 17.42 -7.07
N LEU A 290 -11.52 16.59 -6.68
CA LEU A 290 -10.26 16.45 -7.39
C LEU A 290 -10.29 15.17 -8.21
N LEU A 291 -9.69 15.22 -9.40
CA LEU A 291 -9.58 14.03 -10.25
C LEU A 291 -8.29 13.27 -9.88
N GLU A 292 -8.42 11.97 -9.69
CA GLU A 292 -7.30 11.12 -9.27
C GLU A 292 -6.54 10.64 -10.50
N ASP A 293 -5.18 10.65 -10.43
CA ASP A 293 -4.40 10.23 -11.60
C ASP A 293 -3.35 9.18 -11.26
N GLU A 294 -3.44 8.52 -10.11
CA GLU A 294 -2.52 7.43 -9.79
C GLU A 294 -3.18 6.05 -9.71
N PHE A 295 -4.39 5.88 -10.26
CA PHE A 295 -5.00 4.57 -10.47
C PHE A 295 -5.04 4.26 -11.97
N THR A 296 -4.33 3.20 -12.36
CA THR A 296 -4.33 2.77 -13.76
C THR A 296 -5.57 1.96 -14.07
N PRO A 297 -5.81 1.70 -15.36
CA PRO A 297 -6.93 0.86 -15.73
C PRO A 297 -6.84 -0.50 -15.07
N PHE A 298 -5.63 -1.04 -14.93
CA PHE A 298 -5.47 -2.32 -14.24
C PHE A 298 -5.79 -2.20 -12.74
N ASP A 299 -5.31 -1.16 -12.08
CA ASP A 299 -5.65 -0.95 -10.67
C ASP A 299 -7.16 -0.93 -10.48
N VAL A 300 -7.89 -0.31 -11.40
CA VAL A 300 -9.33 -0.22 -11.24
C VAL A 300 -9.94 -1.61 -11.33
N VAL A 301 -9.51 -2.38 -12.33
CA VAL A 301 -9.96 -3.76 -12.45
C VAL A 301 -9.66 -4.54 -11.18
N ARG A 302 -8.40 -4.54 -10.74
CA ARG A 302 -8.01 -5.20 -9.49
C ARG A 302 -8.99 -4.95 -8.34
N GLN A 303 -9.39 -3.70 -8.14
CA GLN A 303 -10.19 -3.39 -6.95
C GLN A 303 -11.68 -3.56 -7.15
N CYS A 304 -12.19 -3.42 -8.37
CA CYS A 304 -13.63 -3.45 -8.59
C CYS A 304 -14.12 -4.85 -8.90
N SER A 305 -13.37 -5.55 -9.75
CA SER A 305 -13.75 -6.86 -10.23
C SER A 305 -12.88 -7.96 -9.66
N GLY A 306 -11.62 -7.68 -9.36
CA GLY A 306 -10.65 -8.67 -8.93
C GLY A 306 -10.96 -9.33 -7.60
N GLY B 6 7.71 12.71 0.11
CA GLY B 6 8.40 12.02 1.17
C GLY B 6 7.45 11.38 2.18
N PHE B 7 6.20 11.18 1.79
CA PHE B 7 5.22 10.59 2.70
C PHE B 7 4.16 9.78 1.96
N ARG B 8 3.99 8.52 2.37
CA ARG B 8 3.06 7.63 1.71
C ARG B 8 2.36 6.78 2.75
N LYS B 9 1.17 6.31 2.42
CA LYS B 9 0.52 5.31 3.27
C LYS B 9 1.24 3.99 3.07
N MET B 10 1.95 3.55 4.11
CA MET B 10 2.88 2.44 4.02
C MET B 10 2.38 1.28 4.86
N ALA B 11 2.33 0.09 4.26
CA ALA B 11 1.94 -1.12 4.98
C ALA B 11 3.17 -1.90 5.36
N PHE B 12 3.03 -2.74 6.39
CA PHE B 12 4.12 -3.64 6.74
C PHE B 12 4.36 -4.65 5.62
N PRO B 13 5.60 -5.11 5.43
CA PRO B 13 5.81 -6.16 4.46
C PRO B 13 5.01 -7.39 4.87
N SER B 14 4.38 -8.04 3.91
CA SER B 14 3.34 -9.03 4.23
C SER B 14 3.84 -10.47 4.14
N GLY B 15 5.12 -10.68 3.85
CA GLY B 15 5.61 -12.03 3.61
C GLY B 15 5.38 -12.99 4.77
N LYS B 16 5.57 -12.53 6.00
CA LYS B 16 5.40 -13.45 7.11
C LYS B 16 3.95 -13.93 7.23
N VAL B 17 3.00 -13.12 6.78
CA VAL B 17 1.58 -13.50 6.80
C VAL B 17 1.21 -14.31 5.57
N GLU B 18 1.79 -13.99 4.41
CA GLU B 18 1.47 -14.77 3.21
C GLU B 18 1.72 -16.25 3.41
N GLY B 19 2.79 -16.58 4.16
CA GLY B 19 3.17 -17.96 4.43
C GLY B 19 2.22 -18.70 5.33
N CYS B 20 1.19 -18.01 5.82
CA CYS B 20 0.16 -18.62 6.65
C CYS B 20 -1.19 -18.75 6.00
N MET B 21 -1.40 -18.19 4.81
CA MET B 21 -2.75 -18.15 4.27
C MET B 21 -3.07 -19.46 3.57
N VAL B 22 -4.25 -20.00 3.83
CA VAL B 22 -4.73 -21.21 3.21
C VAL B 22 -6.18 -21.01 2.79
N GLN B 23 -6.66 -21.97 2.02
CA GLN B 23 -8.03 -21.96 1.54
C GLN B 23 -8.82 -22.96 2.36
N VAL B 24 -10.06 -22.58 2.70
CA VAL B 24 -10.95 -23.40 3.53
C VAL B 24 -12.30 -23.46 2.85
N THR B 25 -12.81 -24.68 2.65
CA THR B 25 -14.05 -24.88 1.93
C THR B 25 -14.97 -25.80 2.74
N CYS B 26 -16.23 -25.41 2.79
CA CYS B 26 -17.28 -26.22 3.39
C CYS B 26 -18.49 -26.03 2.51
N GLY B 27 -18.94 -27.11 1.87
CA GLY B 27 -20.06 -26.98 0.94
C GLY B 27 -19.68 -26.11 -0.23
N THR B 28 -20.58 -25.20 -0.58
CA THR B 28 -20.35 -24.26 -1.68
C THR B 28 -19.69 -22.97 -1.21
N THR B 29 -19.16 -22.94 0.00
CA THR B 29 -18.57 -21.73 0.57
C THR B 29 -17.06 -21.90 0.67
N THR B 30 -16.34 -20.95 0.11
CA THR B 30 -14.88 -20.94 0.19
C THR B 30 -14.43 -19.60 0.74
N LEU B 31 -13.54 -19.63 1.73
CA LEU B 31 -12.92 -18.39 2.18
C LEU B 31 -11.51 -18.72 2.66
N ASN B 32 -10.86 -17.74 3.26
CA ASN B 32 -9.46 -17.89 3.65
C ASN B 32 -9.34 -18.32 5.10
N GLY B 33 -8.27 -19.08 5.38
CA GLY B 33 -7.85 -19.31 6.74
C GLY B 33 -6.40 -18.94 6.99
N LEU B 34 -6.10 -18.84 8.27
CA LEU B 34 -4.80 -18.45 8.81
C LEU B 34 -4.26 -19.69 9.50
N TRP B 35 -3.15 -20.22 8.99
CA TRP B 35 -2.53 -21.48 9.45
C TRP B 35 -1.30 -21.18 10.29
N LEU B 36 -1.45 -21.31 11.61
CA LEU B 36 -0.37 -21.10 12.55
C LEU B 36 -0.14 -22.41 13.29
N ASP B 37 1.12 -22.86 13.35
CA ASP B 37 1.44 -24.15 13.97
C ASP B 37 0.55 -25.21 13.34
N ASP B 38 -0.23 -25.97 14.13
CA ASP B 38 -1.11 -26.99 13.57
C ASP B 38 -2.60 -26.60 13.65
N VAL B 39 -2.91 -25.31 13.62
CA VAL B 39 -4.29 -24.84 13.73
C VAL B 39 -4.55 -23.87 12.59
N VAL B 40 -5.71 -23.99 11.96
CA VAL B 40 -6.19 -23.05 10.96
C VAL B 40 -7.39 -22.28 11.53
N TYR B 41 -7.31 -20.95 11.50
CA TYR B 41 -8.36 -20.07 11.99
C TYR B 41 -9.12 -19.49 10.80
N CYS B 42 -10.44 -19.42 10.91
CA CYS B 42 -11.20 -18.85 9.80
C CYS B 42 -12.55 -18.44 10.33
N PRO B 43 -13.27 -17.62 9.58
CA PRO B 43 -14.60 -17.21 10.04
C PRO B 43 -15.54 -18.39 10.09
N ARG B 44 -16.30 -18.47 11.18
CA ARG B 44 -17.21 -19.59 11.34
C ARG B 44 -18.32 -19.58 10.33
N HIS B 45 -18.70 -18.43 9.76
CA HIS B 45 -19.80 -18.45 8.82
C HIS B 45 -19.49 -19.26 7.56
N VAL B 46 -18.30 -19.85 7.42
CA VAL B 46 -18.04 -20.79 6.34
C VAL B 46 -18.96 -22.01 6.46
N ILE B 47 -19.33 -22.39 7.69
CA ILE B 47 -20.17 -23.58 7.84
C ILE B 47 -21.63 -23.29 7.48
N CYS B 48 -21.96 -22.03 7.24
CA CYS B 48 -23.35 -21.63 7.01
C CYS B 48 -23.84 -22.06 5.64
N THR B 49 -25.14 -22.36 5.58
CA THR B 49 -25.88 -22.57 4.35
C THR B 49 -26.81 -21.38 4.12
N SER B 50 -27.30 -21.27 2.89
CA SER B 50 -28.19 -20.16 2.52
C SER B 50 -29.45 -20.14 3.39
N GLU B 51 -30.09 -21.31 3.55
CA GLU B 51 -31.33 -21.39 4.34
C GLU B 51 -31.11 -21.14 5.86
N ASP B 52 -29.90 -20.74 6.31
CA ASP B 52 -29.63 -20.46 7.72
C ASP B 52 -28.90 -19.13 7.96
N MET B 53 -28.50 -18.42 6.90
CA MET B 53 -27.65 -17.24 7.09
C MET B 53 -28.36 -16.09 7.78
N LEU B 54 -29.69 -16.12 7.86
CA LEU B 54 -30.45 -15.01 8.45
C LEU B 54 -30.57 -15.09 9.96
N ASN B 55 -30.50 -16.29 10.55
CA ASN B 55 -30.46 -16.46 12.01
C ASN B 55 -29.76 -17.77 12.30
N PRO B 56 -28.45 -17.85 12.08
CA PRO B 56 -27.73 -19.12 12.19
C PRO B 56 -27.44 -19.48 13.64
N ASN B 57 -27.88 -20.66 14.05
CA ASN B 57 -27.55 -21.14 15.40
C ASN B 57 -26.24 -21.89 15.27
N TYR B 58 -25.13 -21.15 15.41
CA TYR B 58 -23.84 -21.67 15.04
C TYR B 58 -23.46 -22.92 15.86
N GLU B 59 -23.71 -22.93 17.17
CA GLU B 59 -23.40 -24.13 17.95
C GLU B 59 -24.10 -25.36 17.37
N ASP B 60 -25.36 -25.18 16.99
CA ASP B 60 -26.16 -26.25 16.42
C ASP B 60 -25.60 -26.69 15.07
N LEU B 61 -25.20 -25.74 14.23
CA LEU B 61 -24.66 -26.10 12.92
C LEU B 61 -23.31 -26.80 13.01
N LEU B 62 -22.48 -26.44 14.01
CA LEU B 62 -21.15 -27.02 14.09
C LEU B 62 -21.21 -28.46 14.59
N ILE B 63 -22.11 -28.74 15.52
CA ILE B 63 -22.16 -30.11 16.02
C ILE B 63 -22.58 -31.07 14.92
N ARG B 64 -23.26 -30.59 13.88
CA ARG B 64 -23.71 -31.44 12.79
C ARG B 64 -22.63 -31.66 11.73
N LYS B 65 -21.47 -31.01 11.87
CA LYS B 65 -20.40 -31.09 10.90
C LYS B 65 -19.37 -32.12 11.35
N SER B 66 -18.70 -32.74 10.38
CA SER B 66 -17.57 -33.62 10.64
C SER B 66 -16.24 -32.98 10.20
N ASN B 67 -15.15 -33.46 10.79
CA ASN B 67 -13.82 -33.00 10.35
C ASN B 67 -13.67 -33.10 8.84
N HIS B 68 -14.26 -34.12 8.22
CA HIS B 68 -14.10 -34.35 6.80
C HIS B 68 -14.98 -33.46 5.93
N ASN B 69 -15.91 -32.70 6.52
CA ASN B 69 -16.63 -31.69 5.75
C ASN B 69 -15.76 -30.48 5.43
N PHE B 70 -14.59 -30.35 6.06
CA PHE B 70 -13.73 -29.16 5.90
C PHE B 70 -12.58 -29.49 4.96
N LEU B 71 -12.58 -28.87 3.79
CA LEU B 71 -11.48 -29.01 2.84
C LEU B 71 -10.54 -27.83 3.06
N VAL B 72 -9.35 -28.12 3.57
CA VAL B 72 -8.30 -27.13 3.73
C VAL B 72 -7.23 -27.41 2.69
N GLN B 73 -6.85 -26.37 1.93
CA GLN B 73 -5.80 -26.52 0.93
C GLN B 73 -4.74 -25.44 1.12
N ALA B 74 -3.50 -25.87 1.20
CA ALA B 74 -2.33 -24.99 1.20
C ALA B 74 -1.68 -25.18 -0.17
N GLY B 75 -1.96 -24.26 -1.10
CA GLY B 75 -1.54 -24.49 -2.47
C GLY B 75 -2.26 -25.69 -3.06
N ASN B 76 -1.49 -26.54 -3.75
CA ASN B 76 -2.02 -27.77 -4.34
C ASN B 76 -2.05 -28.92 -3.35
N VAL B 77 -1.95 -28.65 -2.04
CA VAL B 77 -1.87 -29.68 -1.01
C VAL B 77 -3.02 -29.54 -0.04
N GLN B 78 -3.76 -30.64 0.17
CA GLN B 78 -4.84 -30.68 1.13
C GLN B 78 -4.26 -31.05 2.50
N LEU B 79 -4.71 -30.34 3.53
CA LEU B 79 -4.33 -30.62 4.91
C LEU B 79 -5.47 -31.37 5.58
N ARG B 80 -5.14 -32.44 6.30
CA ARG B 80 -6.17 -33.24 6.96
C ARG B 80 -6.58 -32.59 8.26
N VAL B 81 -7.87 -32.29 8.38
CA VAL B 81 -8.45 -31.78 9.62
C VAL B 81 -8.70 -32.92 10.57
N ILE B 82 -8.14 -32.82 11.77
CA ILE B 82 -8.29 -33.87 12.79
C ILE B 82 -9.02 -33.34 14.03
N GLY B 83 -9.70 -32.21 13.92
CA GLY B 83 -10.39 -31.67 15.06
C GLY B 83 -10.87 -30.26 14.80
N HIS B 84 -11.89 -29.81 15.51
CA HIS B 84 -12.42 -28.48 15.26
C HIS B 84 -13.16 -28.01 16.49
N SER B 85 -12.98 -26.73 16.80
CA SER B 85 -13.73 -26.05 17.83
C SER B 85 -14.10 -24.66 17.33
N MET B 86 -14.96 -24.01 18.07
CA MET B 86 -15.41 -22.66 17.79
C MET B 86 -15.02 -21.77 18.96
N GLN B 87 -14.46 -20.60 18.68
CA GLN B 87 -14.20 -19.59 19.70
C GLN B 87 -14.86 -18.31 19.21
N ASN B 88 -15.97 -17.94 19.85
CA ASN B 88 -16.76 -16.81 19.40
C ASN B 88 -17.04 -16.95 17.89
N CYS B 89 -16.72 -15.96 17.06
CA CYS B 89 -17.04 -16.07 15.65
C CYS B 89 -15.91 -16.67 14.81
N VAL B 90 -14.90 -17.26 15.43
CA VAL B 90 -13.81 -17.91 14.70
CA VAL B 90 -13.85 -17.92 14.67
C VAL B 90 -13.88 -19.42 14.89
N LEU B 91 -13.72 -20.13 13.79
CA LEU B 91 -13.60 -21.58 13.78
C LEU B 91 -12.12 -21.95 13.81
N LYS B 92 -11.76 -22.91 14.66
CA LYS B 92 -10.40 -23.39 14.79
C LYS B 92 -10.34 -24.82 14.30
N LEU B 93 -9.59 -25.04 13.23
CA LEU B 93 -9.43 -26.36 12.60
C LEU B 93 -8.05 -26.90 12.95
N LYS B 94 -8.02 -28.00 13.70
CA LYS B 94 -6.75 -28.66 14.00
C LYS B 94 -6.42 -29.51 12.80
N VAL B 95 -5.18 -29.39 12.31
CA VAL B 95 -4.71 -30.18 11.19
C VAL B 95 -3.50 -31.00 11.64
N ASP B 96 -3.16 -31.99 10.82
CA ASP B 96 -2.15 -32.97 11.22
C ASP B 96 -0.72 -32.51 10.93
N THR B 97 -0.53 -31.38 10.28
CA THR B 97 0.81 -30.92 9.97
C THR B 97 0.99 -29.48 10.45
N ALA B 98 2.20 -29.20 10.91
CA ALA B 98 2.52 -27.88 11.40
C ALA B 98 3.06 -27.03 10.27
N ASN B 99 2.64 -25.76 10.26
CA ASN B 99 3.14 -24.84 9.24
C ASN B 99 4.57 -24.44 9.58
N PRO B 100 5.56 -24.87 8.79
CA PRO B 100 6.94 -24.46 9.08
C PRO B 100 7.16 -22.97 8.90
N LYS B 101 6.31 -22.28 8.14
CA LYS B 101 6.47 -20.84 7.94
C LYS B 101 5.78 -20.03 9.04
N THR B 102 5.33 -20.67 10.12
CA THR B 102 4.69 -19.96 11.23
C THR B 102 5.65 -18.95 11.83
N PRO B 103 5.30 -17.69 11.89
CA PRO B 103 6.21 -16.68 12.43
C PRO B 103 6.04 -16.59 13.94
N LYS B 104 6.96 -15.86 14.58
CA LYS B 104 6.69 -15.39 15.94
C LYS B 104 5.44 -14.49 15.88
N TYR B 105 4.48 -14.71 16.80
CA TYR B 105 3.22 -14.00 16.66
C TYR B 105 2.47 -13.88 17.98
N LYS B 106 1.53 -12.95 17.99
CA LYS B 106 0.53 -12.89 19.06
C LYS B 106 -0.78 -12.39 18.49
N PHE B 107 -1.82 -12.57 19.27
CA PHE B 107 -3.15 -12.08 18.97
C PHE B 107 -3.41 -10.89 19.87
N VAL B 108 -3.77 -9.76 19.27
CA VAL B 108 -4.04 -8.59 20.08
C VAL B 108 -5.38 -8.00 19.66
N ARG B 109 -5.97 -7.25 20.55
CA ARG B 109 -7.16 -6.48 20.22
C ARG B 109 -6.77 -5.01 20.16
N ILE B 110 -6.95 -4.38 18.99
CA ILE B 110 -6.52 -2.99 18.83
C ILE B 110 -7.62 -2.06 19.31
N GLN B 111 -7.21 -0.83 19.58
CA GLN B 111 -8.11 0.24 19.97
C GLN B 111 -8.48 1.08 18.76
N PRO B 112 -9.66 1.69 18.78
CA PRO B 112 -10.02 2.60 17.70
C PRO B 112 -8.97 3.71 17.60
N GLY B 113 -8.67 4.11 16.37
CA GLY B 113 -7.60 5.03 16.09
C GLY B 113 -6.27 4.39 15.75
N GLN B 114 -6.03 3.14 16.17
CA GLN B 114 -4.83 2.41 15.82
C GLN B 114 -4.90 1.93 14.36
N THR B 115 -3.73 1.74 13.76
CA THR B 115 -3.64 1.31 12.38
C THR B 115 -3.05 -0.09 12.31
N PHE B 116 -3.31 -0.74 11.17
CA PHE B 116 -2.76 -2.05 10.89
C PHE B 116 -2.77 -2.25 9.38
N SER B 117 -1.99 -3.23 8.94
CA SER B 117 -1.94 -3.64 7.55
C SER B 117 -2.92 -4.77 7.32
N VAL B 118 -3.59 -4.75 6.17
CA VAL B 118 -4.50 -5.78 5.72
C VAL B 118 -3.88 -6.52 4.55
N LEU B 119 -3.86 -7.85 4.62
CA LEU B 119 -3.48 -8.68 3.47
C LEU B 119 -4.78 -9.26 2.92
N ALA B 120 -5.25 -8.67 1.81
CA ALA B 120 -6.47 -9.15 1.18
C ALA B 120 -6.13 -10.39 0.38
N CYS B 121 -6.96 -11.43 0.56
CA CYS B 121 -6.73 -12.75 0.01
C CYS B 121 -8.03 -13.27 -0.57
N TYR B 122 -7.90 -14.11 -1.58
CA TYR B 122 -9.03 -14.78 -2.21
C TYR B 122 -8.57 -16.20 -2.52
N ASN B 123 -9.39 -17.19 -2.13
CA ASN B 123 -9.08 -18.62 -2.31
C ASN B 123 -7.71 -18.99 -1.75
N GLY B 124 -7.39 -18.44 -0.59
CA GLY B 124 -6.13 -18.76 0.03
C GLY B 124 -4.93 -18.07 -0.56
N SER B 125 -5.12 -17.22 -1.57
CA SER B 125 -4.01 -16.54 -2.26
C SER B 125 -3.98 -15.05 -1.98
N PRO B 126 -2.83 -14.52 -1.55
CA PRO B 126 -2.72 -13.08 -1.31
C PRO B 126 -2.87 -12.30 -2.60
N SER B 127 -3.70 -11.27 -2.53
CA SER B 127 -3.95 -10.38 -3.67
C SER B 127 -3.44 -8.96 -3.47
N GLY B 128 -3.48 -8.41 -2.26
CA GLY B 128 -3.02 -7.03 -2.08
C GLY B 128 -2.82 -6.70 -0.62
N VAL B 129 -2.04 -5.65 -0.36
CA VAL B 129 -1.75 -5.25 0.99
C VAL B 129 -1.97 -3.76 1.12
N TYR B 130 -2.59 -3.33 2.22
CA TYR B 130 -2.80 -1.90 2.41
C TYR B 130 -3.01 -1.59 3.87
N GLN B 131 -2.84 -0.32 4.20
CA GLN B 131 -2.97 0.15 5.56
C GLN B 131 -4.41 0.63 5.83
N CYS B 132 -4.92 0.29 7.02
CA CYS B 132 -6.26 0.63 7.51
C CYS B 132 -6.15 1.16 8.93
N ALA B 133 -7.18 1.87 9.37
CA ALA B 133 -7.34 2.25 10.77
C ALA B 133 -8.65 1.68 11.30
N MET B 134 -8.63 1.25 12.55
CA MET B 134 -9.86 0.91 13.26
C MET B 134 -10.62 2.22 13.52
N ARG B 135 -11.75 2.39 12.87
CA ARG B 135 -12.51 3.63 13.01
C ARG B 135 -13.07 3.74 14.42
N PRO B 136 -13.36 4.96 14.88
CA PRO B 136 -13.97 5.09 16.21
C PRO B 136 -15.28 4.34 16.33
N ASN B 137 -16.04 4.16 15.23
CA ASN B 137 -17.27 3.36 15.23
C ASN B 137 -17.03 1.88 14.90
N PHE B 138 -15.77 1.44 14.93
CA PHE B 138 -15.38 0.04 14.87
C PHE B 138 -15.65 -0.60 13.51
N THR B 139 -15.78 0.20 12.47
CA THR B 139 -15.62 -0.28 11.11
C THR B 139 -14.20 -0.01 10.63
N ILE B 140 -13.87 -0.58 9.47
CA ILE B 140 -12.65 -0.27 8.75
C ILE B 140 -13.02 -0.01 7.31
N LYS B 141 -12.34 0.94 6.70
CA LYS B 141 -12.58 1.32 5.32
C LYS B 141 -11.56 0.53 4.51
N GLY B 142 -11.94 -0.68 4.13
CA GLY B 142 -11.10 -1.55 3.36
C GLY B 142 -11.55 -1.67 1.93
N SER B 143 -10.85 -2.54 1.23
CA SER B 143 -11.17 -2.93 -0.13
C SER B 143 -11.25 -4.45 -0.07
N PHE B 144 -12.48 -4.94 0.02
CA PHE B 144 -12.73 -6.36 0.21
C PHE B 144 -13.87 -6.75 -0.72
N LEU B 145 -13.72 -7.88 -1.39
CA LEU B 145 -14.73 -8.40 -2.29
C LEU B 145 -15.29 -9.74 -1.81
N ASN B 146 -16.23 -10.30 -2.57
CA ASN B 146 -16.63 -11.67 -2.32
C ASN B 146 -15.40 -12.58 -2.17
N GLY B 147 -15.42 -13.48 -1.18
CA GLY B 147 -14.34 -14.42 -0.99
C GLY B 147 -13.18 -13.92 -0.15
N SER B 148 -13.24 -12.68 0.32
CA SER B 148 -12.13 -12.12 1.08
C SER B 148 -12.17 -12.47 2.54
N CYS B 149 -13.29 -13.03 3.03
CA CYS B 149 -13.39 -13.38 4.44
C CYS B 149 -12.24 -14.31 4.86
N GLY B 150 -11.77 -14.12 6.09
CA GLY B 150 -10.57 -14.78 6.56
C GLY B 150 -9.29 -14.02 6.29
N SER B 151 -9.31 -13.04 5.39
CA SER B 151 -8.18 -12.12 5.29
C SER B 151 -7.90 -11.50 6.67
N VAL B 152 -6.62 -11.20 6.96
CA VAL B 152 -6.26 -10.75 8.30
C VAL B 152 -5.56 -9.39 8.24
N GLY B 153 -5.68 -8.65 9.35
CA GLY B 153 -4.94 -7.43 9.58
C GLY B 153 -3.89 -7.63 10.67
N PHE B 154 -2.81 -6.88 10.60
CA PHE B 154 -1.68 -7.19 11.46
C PHE B 154 -0.74 -6.00 11.51
N ASN B 155 0.10 -6.01 12.55
CA ASN B 155 1.26 -5.14 12.70
C ASN B 155 2.48 -6.02 12.94
N ILE B 156 3.68 -5.47 12.75
CA ILE B 156 4.92 -6.19 13.02
C ILE B 156 5.78 -5.35 13.95
N ASP B 157 6.33 -5.98 14.99
CA ASP B 157 7.24 -5.33 15.92
C ASP B 157 8.42 -6.26 16.10
N TYR B 158 9.63 -5.74 15.91
CA TYR B 158 10.82 -6.58 15.94
C TYR B 158 10.55 -7.69 14.91
N ASP B 159 10.57 -8.96 15.27
CA ASP B 159 10.22 -10.03 14.34
C ASP B 159 8.83 -10.61 14.59
N CYS B 160 8.03 -9.98 15.48
CA CYS B 160 6.78 -10.55 15.96
C CYS B 160 5.58 -9.95 15.20
N VAL B 161 4.73 -10.82 14.69
CA VAL B 161 3.52 -10.42 13.98
C VAL B 161 2.36 -10.42 14.98
N SER B 162 1.75 -9.26 15.17
CA SER B 162 0.60 -9.11 16.04
C SER B 162 -0.63 -9.13 15.14
N PHE B 163 -1.36 -10.23 15.16
CA PHE B 163 -2.61 -10.29 14.41
C PHE B 163 -3.72 -9.62 15.19
N CYS B 164 -4.43 -8.70 14.55
CA CYS B 164 -5.46 -7.95 15.23
C CYS B 164 -6.84 -8.01 14.59
N TYR B 165 -6.97 -8.51 13.35
CA TYR B 165 -8.25 -8.40 12.64
C TYR B 165 -8.40 -9.59 11.71
N MET B 166 -9.62 -10.12 11.63
CA MET B 166 -10.00 -11.08 10.63
C MET B 166 -11.32 -10.62 10.02
N HIS B 167 -11.39 -10.68 8.70
CA HIS B 167 -12.44 -10.03 7.96
C HIS B 167 -13.68 -10.91 7.88
N HIS B 168 -14.86 -10.33 8.17
CA HIS B 168 -16.12 -11.10 8.12
C HIS B 168 -17.20 -10.52 7.21
N MET B 169 -17.30 -9.20 7.05
CA MET B 169 -18.48 -8.65 6.37
C MET B 169 -18.31 -7.23 5.85
N GLU B 170 -19.23 -6.86 4.96
CA GLU B 170 -19.37 -5.52 4.42
C GLU B 170 -20.73 -4.94 4.83
N LEU B 171 -20.74 -3.69 5.14
CA LEU B 171 -21.95 -2.97 5.46
C LEU B 171 -22.46 -2.25 4.23
N PRO B 172 -23.74 -1.88 4.25
CA PRO B 172 -24.34 -1.27 3.06
C PRO B 172 -23.65 0.00 2.61
N THR B 173 -23.06 0.78 3.53
CA THR B 173 -22.32 1.98 3.19
C THR B 173 -20.96 1.70 2.55
N GLY B 174 -20.60 0.43 2.40
CA GLY B 174 -19.36 0.05 1.77
C GLY B 174 -18.16 -0.08 2.69
N VAL B 175 -18.32 0.16 4.00
CA VAL B 175 -17.25 -0.06 4.98
C VAL B 175 -17.33 -1.53 5.45
N HIS B 176 -16.41 -1.94 6.32
CA HIS B 176 -16.20 -3.35 6.62
C HIS B 176 -16.15 -3.59 8.11
N ALA B 177 -16.48 -4.83 8.49
CA ALA B 177 -16.42 -5.21 9.89
C ALA B 177 -15.90 -6.64 10.03
N GLY B 178 -15.34 -6.88 11.21
CA GLY B 178 -14.66 -8.13 11.50
C GLY B 178 -14.32 -8.26 12.96
N THR B 179 -13.52 -9.31 13.26
CA THR B 179 -13.23 -9.71 14.62
C THR B 179 -11.74 -9.62 14.88
N ASP B 180 -11.41 -9.71 16.17
CA ASP B 180 -10.05 -10.07 16.55
C ASP B 180 -9.88 -11.58 16.37
N LEU B 181 -8.70 -12.08 16.69
CA LEU B 181 -8.42 -13.48 16.43
C LEU B 181 -8.95 -14.38 17.52
N GLU B 182 -9.57 -13.81 18.55
CA GLU B 182 -10.41 -14.55 19.48
C GLU B 182 -11.85 -14.66 18.99
N GLY B 183 -12.17 -14.09 17.84
CA GLY B 183 -13.48 -14.21 17.28
C GLY B 183 -14.50 -13.21 17.78
N ASN B 184 -14.08 -12.20 18.54
CA ASN B 184 -14.98 -11.14 19.00
C ASN B 184 -15.05 -9.97 18.03
N PHE B 185 -16.27 -9.62 17.59
CA PHE B 185 -16.37 -8.47 16.69
C PHE B 185 -15.84 -7.19 17.32
N TYR B 186 -15.25 -6.37 16.46
CA TYR B 186 -15.12 -4.95 16.72
C TYR B 186 -16.46 -4.32 16.35
N GLY B 187 -17.09 -3.66 17.31
CA GLY B 187 -18.34 -2.99 17.05
C GLY B 187 -19.56 -3.86 17.31
N PRO B 188 -20.73 -3.28 17.04
CA PRO B 188 -21.99 -3.94 17.41
C PRO B 188 -22.48 -4.86 16.33
N PHE B 189 -21.58 -5.47 15.58
CA PHE B 189 -21.98 -6.24 14.41
C PHE B 189 -22.08 -7.72 14.75
N VAL B 190 -22.79 -8.42 13.89
CA VAL B 190 -23.15 -9.81 14.08
C VAL B 190 -23.00 -10.53 12.76
N ASP B 191 -22.48 -11.76 12.81
CA ASP B 191 -22.23 -12.57 11.62
C ASP B 191 -23.48 -13.37 11.24
N ARG B 192 -24.50 -12.58 10.88
CA ARG B 192 -25.71 -13.07 10.23
C ARG B 192 -25.91 -12.24 8.97
N GLN B 193 -26.58 -12.82 7.98
CA GLN B 193 -26.73 -12.17 6.68
C GLN B 193 -27.88 -11.16 6.72
N THR B 194 -27.61 -9.99 7.33
CA THR B 194 -28.54 -8.87 7.39
C THR B 194 -27.83 -7.54 7.13
N ALA B 195 -28.59 -6.57 6.61
CA ALA B 195 -28.07 -5.22 6.44
C ALA B 195 -27.89 -4.60 7.81
N GLN B 196 -26.69 -4.15 8.10
CA GLN B 196 -26.39 -3.56 9.39
C GLN B 196 -25.71 -2.22 9.19
N ALA B 197 -25.97 -1.34 10.12
CA ALA B 197 -25.44 0.01 10.09
C ALA B 197 -24.54 0.22 11.29
N ALA B 198 -23.53 1.08 11.10
CA ALA B 198 -22.64 1.41 12.21
C ALA B 198 -23.12 2.66 12.92
N GLY B 199 -22.58 2.88 14.10
CA GLY B 199 -22.83 4.14 14.75
C GLY B 199 -22.20 5.26 13.95
N THR B 200 -22.56 6.50 14.31
CA THR B 200 -21.92 7.64 13.67
C THR B 200 -20.42 7.61 13.88
N ASP B 201 -19.68 7.80 12.80
CA ASP B 201 -18.24 7.85 12.88
C ASP B 201 -17.77 9.24 13.29
N THR B 202 -16.54 9.28 13.78
CA THR B 202 -15.85 10.52 14.15
C THR B 202 -14.46 10.47 13.54
N THR B 203 -13.81 11.63 13.52
CA THR B 203 -12.46 11.71 12.98
C THR B 203 -11.43 11.54 14.09
N ILE B 204 -10.35 10.80 13.77
CA ILE B 204 -9.33 10.46 14.77
C ILE B 204 -8.35 11.63 14.91
N THR B 205 -8.55 12.48 15.93
CA THR B 205 -7.90 13.78 16.01
C THR B 205 -6.39 13.66 16.16
N VAL B 206 -5.92 12.83 17.10
CA VAL B 206 -4.48 12.64 17.29
C VAL B 206 -3.79 12.24 15.98
N ASN B 207 -4.49 11.50 15.14
CA ASN B 207 -3.90 11.08 13.87
C ASN B 207 -3.86 12.22 12.86
N VAL B 208 -4.92 13.04 12.82
CA VAL B 208 -4.89 14.24 11.96
C VAL B 208 -3.72 15.12 12.37
N LEU B 209 -3.49 15.25 13.67
CA LEU B 209 -2.36 16.05 14.13
C LEU B 209 -1.03 15.42 13.70
N ALA B 210 -0.89 14.10 13.89
CA ALA B 210 0.33 13.43 13.41
C ALA B 210 0.58 13.73 11.94
N TRP B 211 -0.47 13.69 11.13
CA TRP B 211 -0.36 13.94 9.70
C TRP B 211 -0.01 15.39 9.39
N LEU B 212 -0.53 16.36 10.16
CA LEU B 212 -0.10 17.75 9.98
C LEU B 212 1.38 17.92 10.27
N TYR B 213 1.89 17.23 11.30
CA TYR B 213 3.33 17.27 11.57
C TYR B 213 4.13 16.64 10.43
N ALA B 214 3.61 15.56 9.86
CA ALA B 214 4.21 14.98 8.65
C ALA B 214 4.26 15.98 7.51
N ALA B 215 3.22 16.81 7.35
CA ALA B 215 3.22 17.75 6.24
C ALA B 215 4.22 18.86 6.48
N VAL B 216 4.44 19.22 7.74
CA VAL B 216 5.50 20.17 8.08
C VAL B 216 6.87 19.59 7.74
N ILE B 217 7.20 18.43 8.32
CA ILE B 217 8.42 17.68 8.00
C ILE B 217 8.73 17.69 6.50
N ASN B 218 7.71 17.50 5.67
CA ASN B 218 7.89 17.57 4.23
C ASN B 218 7.63 18.98 3.64
N GLY B 219 7.76 20.03 4.45
CA GLY B 219 7.78 21.39 3.94
C GLY B 219 6.43 22.05 3.68
N ASP B 220 5.33 21.37 3.96
CA ASP B 220 3.99 21.95 3.83
C ASP B 220 3.68 22.67 5.14
N ARG B 221 3.45 24.02 5.07
CA ARG B 221 3.14 24.70 6.33
C ARG B 221 2.23 25.92 6.14
N TRP B 222 1.55 25.98 5.05
CA TRP B 222 0.67 27.11 4.81
C TRP B 222 -0.43 27.23 5.87
N PHE B 223 -0.77 26.13 6.55
CA PHE B 223 -1.88 26.06 7.50
C PHE B 223 -1.47 26.45 8.93
N LEU B 224 -0.17 26.55 9.23
CA LEU B 224 0.28 26.96 10.55
C LEU B 224 -0.19 28.39 10.86
N ASN B 225 -0.21 28.73 12.15
CA ASN B 225 -0.57 30.06 12.59
C ASN B 225 0.13 30.39 13.91
N ARG B 226 0.03 31.67 14.29
CA ARG B 226 0.65 32.20 15.49
C ARG B 226 -0.23 32.06 16.72
N PHE B 227 -1.47 31.60 16.54
CA PHE B 227 -2.38 31.48 17.66
C PHE B 227 -2.02 30.28 18.53
N THR B 228 -2.61 30.26 19.70
CA THR B 228 -2.50 29.14 20.61
C THR B 228 -3.86 28.96 21.28
N THR B 229 -4.08 27.74 21.78
CA THR B 229 -5.34 27.33 22.34
C THR B 229 -5.06 26.45 23.55
N THR B 230 -5.98 26.45 24.48
CA THR B 230 -5.89 25.48 25.54
C THR B 230 -6.35 24.12 25.02
N LEU B 231 -5.98 23.07 25.75
CA LEU B 231 -6.44 21.73 25.37
C LEU B 231 -7.95 21.65 25.46
N ASN B 232 -8.55 22.18 26.53
CA ASN B 232 -10.00 22.05 26.64
C ASN B 232 -10.74 22.84 25.55
N ASP B 233 -10.30 24.07 25.27
CA ASP B 233 -10.95 24.87 24.23
C ASP B 233 -10.79 24.24 22.86
N PHE B 234 -9.66 23.60 22.61
CA PHE B 234 -9.53 22.87 21.36
C PHE B 234 -10.53 21.72 21.33
N ASN B 235 -10.57 20.91 22.40
CA ASN B 235 -11.51 19.80 22.47
C ASN B 235 -12.97 20.25 22.33
N LEU B 236 -13.32 21.43 22.82
CA LEU B 236 -14.69 21.88 22.62
C LEU B 236 -14.98 22.02 21.13
N VAL B 237 -14.07 22.65 20.40
CA VAL B 237 -14.27 22.85 18.96
C VAL B 237 -14.24 21.51 18.23
N ALA B 238 -13.24 20.68 18.55
CA ALA B 238 -13.17 19.34 17.97
C ALA B 238 -14.50 18.61 18.05
N MET B 239 -15.08 18.51 19.24
CA MET B 239 -16.29 17.73 19.39
C MET B 239 -17.42 18.30 18.57
N LYS B 240 -17.43 19.62 18.42
CA LYS B 240 -18.45 20.27 17.60
C LYS B 240 -18.38 19.81 16.15
N TYR B 241 -17.19 19.49 15.66
CA TYR B 241 -17.02 19.02 14.29
C TYR B 241 -16.94 17.50 14.20
N ASN B 242 -17.34 16.80 15.24
CA ASN B 242 -17.31 15.34 15.30
C ASN B 242 -15.89 14.81 15.13
N TYR B 243 -14.95 15.49 15.77
CA TYR B 243 -13.61 14.97 16.00
C TYR B 243 -13.52 14.38 17.39
N GLU B 244 -12.75 13.28 17.53
CA GLU B 244 -12.49 12.73 18.85
C GLU B 244 -11.75 13.73 19.74
N PRO B 245 -12.02 13.73 21.03
CA PRO B 245 -11.25 14.61 21.90
C PRO B 245 -9.83 14.11 21.98
N LEU B 246 -8.94 15.05 22.26
CA LEU B 246 -7.51 14.80 22.40
C LEU B 246 -7.23 14.71 23.89
N THR B 247 -6.64 13.60 24.30
CA THR B 247 -6.27 13.36 25.68
C THR B 247 -4.84 13.85 25.94
N GLN B 248 -4.48 13.92 27.22
CA GLN B 248 -3.12 14.29 27.57
C GLN B 248 -2.14 13.17 27.20
N ASP B 249 -2.57 11.92 27.25
CA ASP B 249 -1.74 10.86 26.68
C ASP B 249 -1.46 11.11 25.20
N HIS B 250 -2.47 11.57 24.44
CA HIS B 250 -2.23 11.90 23.04
C HIS B 250 -1.24 13.03 22.90
N VAL B 251 -1.36 14.07 23.74
CA VAL B 251 -0.41 15.18 23.66
C VAL B 251 1.01 14.64 23.83
N ASP B 252 1.20 13.77 24.84
CA ASP B 252 2.52 13.19 25.13
C ASP B 252 3.01 12.38 23.94
N ILE B 253 2.16 11.51 23.42
CA ILE B 253 2.44 10.69 22.25
C ILE B 253 2.91 11.53 21.08
N LEU B 254 2.55 12.82 21.06
CA LEU B 254 2.92 13.66 19.94
C LEU B 254 4.24 14.39 20.15
N GLY B 255 4.80 14.32 21.35
CA GLY B 255 5.97 15.08 21.71
C GLY B 255 7.11 14.96 20.73
N PRO B 256 7.53 13.74 20.43
CA PRO B 256 8.62 13.53 19.47
C PRO B 256 8.43 14.33 18.20
N LEU B 257 7.21 14.33 17.65
CA LEU B 257 6.93 15.08 16.45
C LEU B 257 6.99 16.56 16.73
N SER B 258 6.57 16.96 17.93
CA SER B 258 6.67 18.34 18.36
C SER B 258 8.13 18.76 18.46
N ALA B 259 8.91 18.03 19.24
CA ALA B 259 10.35 18.31 19.33
C ALA B 259 10.99 18.36 17.95
N GLN B 260 10.77 17.32 17.14
CA GLN B 260 11.40 17.24 15.83
C GLN B 260 11.13 18.48 14.97
N THR B 261 9.95 19.08 15.10
CA THR B 261 9.63 20.26 14.30
C THR B 261 9.71 21.55 15.08
N GLY B 262 9.78 21.49 16.40
CA GLY B 262 9.69 22.69 17.21
C GLY B 262 8.34 23.36 17.22
N ILE B 263 7.26 22.60 17.06
CA ILE B 263 5.91 23.15 17.06
C ILE B 263 5.17 22.53 18.22
N ALA B 264 4.77 23.35 19.18
CA ALA B 264 4.11 22.82 20.36
C ALA B 264 2.83 22.12 19.92
N VAL B 265 2.47 21.06 20.65
CA VAL B 265 1.26 20.33 20.29
C VAL B 265 0.06 21.29 20.23
N LEU B 266 -0.12 22.10 21.28
CA LEU B 266 -1.26 23.01 21.30
C LEU B 266 -1.18 24.07 20.21
N ASP B 267 0.01 24.38 19.71
CA ASP B 267 0.09 25.24 18.54
C ASP B 267 -0.46 24.53 17.31
N MET B 268 -0.14 23.24 17.14
CA MET B 268 -0.70 22.50 16.02
C MET B 268 -2.22 22.32 16.18
N CYS B 269 -2.70 22.19 17.42
CA CYS B 269 -4.14 22.18 17.68
C CYS B 269 -4.78 23.48 17.22
N ALA B 270 -4.09 24.60 17.45
CA ALA B 270 -4.59 25.89 17.00
C ALA B 270 -4.69 25.93 15.48
N SER B 271 -3.72 25.34 14.78
CA SER B 271 -3.82 25.28 13.32
C SER B 271 -4.99 24.43 12.88
N LEU B 272 -5.15 23.27 13.52
CA LEU B 272 -6.26 22.39 13.16
C LEU B 272 -7.60 23.06 13.44
N LYS B 273 -7.71 23.78 14.55
CA LYS B 273 -8.96 24.50 14.81
C LYS B 273 -9.27 25.45 13.66
N GLU B 274 -8.25 26.17 13.18
CA GLU B 274 -8.48 27.16 12.11
C GLU B 274 -8.93 26.46 10.84
N LEU B 275 -8.31 25.32 10.52
CA LEU B 275 -8.73 24.54 9.35
C LEU B 275 -10.15 23.99 9.52
N LEU B 276 -10.52 23.56 10.72
CA LEU B 276 -11.88 23.06 10.88
C LEU B 276 -12.89 24.17 10.65
N GLN B 277 -12.58 25.37 11.16
CA GLN B 277 -13.55 26.45 11.12
C GLN B 277 -13.60 27.13 9.77
N ASN B 278 -12.47 27.19 9.05
CA ASN B 278 -12.36 27.91 7.78
C ASN B 278 -12.32 27.01 6.55
N GLY B 279 -11.77 25.79 6.67
CA GLY B 279 -11.56 24.94 5.52
C GLY B 279 -10.16 25.10 4.95
N MET B 280 -9.94 24.40 3.83
CA MET B 280 -8.63 24.43 3.16
C MET B 280 -8.57 25.47 2.05
N ASN B 281 -9.72 25.86 1.50
CA ASN B 281 -9.81 27.03 0.60
C ASN B 281 -8.88 26.84 -0.61
N GLY B 282 -9.20 25.79 -1.38
CA GLY B 282 -8.44 25.44 -2.56
C GLY B 282 -7.20 24.64 -2.24
N ARG B 283 -6.49 25.04 -1.20
CA ARG B 283 -5.20 24.45 -0.91
C ARG B 283 -5.35 22.97 -0.56
N THR B 284 -4.21 22.28 -0.59
CA THR B 284 -4.12 20.86 -0.25
C THR B 284 -2.95 20.69 0.70
N ILE B 285 -3.00 19.60 1.46
CA ILE B 285 -1.93 19.21 2.38
C ILE B 285 -1.48 17.81 1.98
N LEU B 286 -0.17 17.65 1.79
CA LEU B 286 0.43 16.41 1.32
C LEU B 286 -0.35 15.80 0.16
N GLY B 287 -0.93 16.65 -0.69
CA GLY B 287 -1.65 16.24 -1.88
C GLY B 287 -3.14 16.07 -1.69
N SER B 288 -3.63 16.07 -0.45
CA SER B 288 -5.04 15.82 -0.16
C SER B 288 -5.84 17.11 -0.02
N ALA B 289 -7.08 17.07 -0.46
CA ALA B 289 -8.07 18.09 -0.18
C ALA B 289 -8.85 17.85 1.10
N LEU B 290 -8.57 16.77 1.80
CA LEU B 290 -9.28 16.46 3.02
C LEU B 290 -8.27 16.15 4.09
N LEU B 291 -8.67 16.32 5.34
CA LEU B 291 -7.77 16.00 6.42
C LEU B 291 -7.73 14.50 6.63
N GLU B 292 -6.52 13.96 6.65
CA GLU B 292 -6.25 12.53 6.74
C GLU B 292 -6.12 12.12 8.19
N ASP B 293 -6.79 11.01 8.58
CA ASP B 293 -6.77 10.60 9.98
C ASP B 293 -6.42 9.12 10.16
N GLU B 294 -5.79 8.48 9.17
CA GLU B 294 -5.35 7.09 9.28
C GLU B 294 -3.83 6.94 9.26
N PHE B 295 -3.10 7.95 9.77
CA PHE B 295 -1.72 7.83 10.20
C PHE B 295 -1.63 8.12 11.69
N THR B 296 -1.13 7.18 12.46
CA THR B 296 -0.88 7.42 13.86
C THR B 296 0.45 8.14 14.04
N PRO B 297 0.69 8.67 15.24
CA PRO B 297 2.01 9.27 15.51
C PRO B 297 3.15 8.30 15.26
N PHE B 298 3.02 7.08 15.78
CA PHE B 298 4.00 6.02 15.51
C PHE B 298 4.22 5.83 14.01
N ASP B 299 3.14 5.75 13.24
CA ASP B 299 3.27 5.63 11.79
C ASP B 299 4.16 6.75 11.24
N VAL B 300 3.79 7.99 11.52
CA VAL B 300 4.53 9.11 10.92
C VAL B 300 5.99 9.07 11.35
N VAL B 301 6.27 8.71 12.60
CA VAL B 301 7.66 8.68 13.08
C VAL B 301 8.44 7.58 12.37
N ARG B 302 7.91 6.35 12.38
CA ARG B 302 8.61 5.25 11.72
C ARG B 302 9.01 5.63 10.31
N GLN B 303 8.16 6.38 9.61
CA GLN B 303 8.42 6.69 8.21
C GLN B 303 9.29 7.92 8.01
N CYS B 304 9.38 8.80 9.00
CA CYS B 304 10.32 9.92 8.96
C CYS B 304 11.46 9.64 9.93
N SER B 305 11.85 8.36 9.99
CA SER B 305 12.95 7.81 10.79
C SER B 305 13.12 6.32 10.46
#